data_9H96
#
_entry.id   9H96
#
_cell.length_a   46.294
_cell.length_b   47.709
_cell.length_c   50.359
_cell.angle_alpha   66.370
_cell.angle_beta   89.780
_cell.angle_gamma   89.090
#
_symmetry.space_group_name_H-M   'P 1'
#
loop_
_entity.id
_entity.type
_entity.pdbx_description
1 polymer "Casein kinase II subunit alpha'"
2 non-polymer 1,2-ETHANEDIOL
3 non-polymer 1,2,3,4-tetrakis(bromanyl)-5-propan-2-yl-7,8-dihydro-6~{H}-indeno[1,2-b]indole-9,10-dione
4 non-polymer 'CHLORIDE ION'
5 water water
#
_entity_poly.entity_id   1
_entity_poly.type   'polypeptide(L)'
_entity_poly.pdbx_seq_one_letter_code
;MGSSHHHHHHSQDPMPGPAAGSRARVYAEVNSLRSREYWDYEAHVPSWGNQDDYQLVRKLGRGKYSEVFEAINITNNERV
VVKILKPVKKKKIKREVKILENLRGGTNIIKLIDTVKDPVSKTPALVFEYINNTDFKQLYQILTDFDIRFYMYELLKALD
YCHSKGIMHRDVKPHNVMIDHQQKKLRLIDWGLAEFYHPAQEYNVRVASRYFKGPELLVDYQMYDYSLDMWSLGCMLASM
IFRREPFFHGQDNYDQLVRIAKVLGTEELYGYLKKYHIDLDPHFNDILGQHSRKRWENFIHSENRHLVSPEALDLLDKLL
RYDHQQRLTAKEAMEHPYFYPVVKEQSQPSADNAVLSSGLTAAR
;
_entity_poly.pdbx_strand_id   A
#
loop_
_chem_comp.id
_chem_comp.type
_chem_comp.name
_chem_comp.formula
A1ITG non-polymer 1,2,3,4-tetrakis(bromanyl)-5-propan-2-yl-7,8-dihydro-6~{H}-indeno[1,2-b]indole-9,10-dione 'C18 H13 Br4 N O2'
CL non-polymer 'CHLORIDE ION' 'Cl -1'
EDO non-polymer 1,2-ETHANEDIOL 'C2 H6 O2'
#
# COMPACT_ATOMS: atom_id res chain seq x y z
N GLY A 21 -9.54 20.55 11.09
CA GLY A 21 -9.61 19.47 10.12
C GLY A 21 -8.77 18.25 10.55
N SER A 22 -8.80 17.19 9.77
CA SER A 22 -8.20 15.94 10.21
C SER A 22 -6.69 15.98 10.07
N ARG A 23 -5.99 15.29 10.99
N ARG A 23 -5.97 15.26 10.95
CA ARG A 23 -4.54 15.15 11.07
CA ARG A 23 -4.53 15.08 10.79
C ARG A 23 -4.20 13.67 11.30
C ARG A 23 -4.14 13.73 11.31
N ALA A 24 -3.03 13.24 10.79
CA ALA A 24 -2.48 11.94 11.20
C ALA A 24 -2.21 11.95 12.68
N ARG A 25 -2.42 10.80 13.33
CA ARG A 25 -2.08 10.65 14.75
C ARG A 25 -0.60 10.39 14.96
N VAL A 26 0.16 10.03 13.94
CA VAL A 26 1.58 9.77 14.04
C VAL A 26 2.25 10.46 12.87
N TYR A 27 3.51 10.86 13.04
N TYR A 27 3.46 10.89 13.09
CA TYR A 27 4.35 11.42 11.96
CA TYR A 27 4.31 11.31 12.00
C TYR A 27 3.63 12.57 11.26
C TYR A 27 3.76 12.57 11.33
N ALA A 28 2.89 13.34 12.02
CA ALA A 28 2.16 14.39 11.33
C ALA A 28 3.07 15.48 10.85
N GLU A 29 4.00 15.90 11.68
CA GLU A 29 4.86 17.04 11.37
C GLU A 29 6.20 16.61 10.87
N VAL A 30 6.41 15.34 10.54
CA VAL A 30 7.76 14.89 10.34
C VAL A 30 8.42 15.56 9.11
N ASN A 31 7.70 15.80 8.03
CA ASN A 31 8.34 16.45 6.89
C ASN A 31 8.64 17.90 7.21
N SER A 32 7.78 18.57 7.98
CA SER A 32 8.06 19.93 8.31
C SER A 32 9.28 20.07 9.19
N LEU A 33 9.64 19.03 9.95
CA LEU A 33 10.83 19.06 10.77
C LEU A 33 12.09 18.72 10.04
N ARG A 34 12.00 18.30 8.79
CA ARG A 34 13.17 17.99 8.00
C ARG A 34 13.51 19.15 7.07
N SER A 35 14.72 19.12 6.50
CA SER A 35 15.09 20.09 5.47
C SER A 35 14.05 20.09 4.36
N ARG A 36 13.77 21.26 3.79
CA ARG A 36 12.86 21.33 2.66
C ARG A 36 13.30 20.46 1.51
N GLU A 37 14.60 20.31 1.29
CA GLU A 37 15.01 19.45 0.19
C GLU A 37 14.51 18.04 0.33
N TYR A 38 14.27 17.57 1.55
CA TYR A 38 13.77 16.21 1.72
C TYR A 38 12.46 15.98 0.97
N TRP A 39 11.51 16.91 1.10
CA TRP A 39 10.17 16.72 0.56
C TRP A 39 9.89 17.55 -0.68
N ASP A 40 10.75 18.48 -1.06
CA ASP A 40 10.47 19.33 -2.21
C ASP A 40 11.00 18.65 -3.47
N TYR A 41 10.26 17.63 -3.89
CA TYR A 41 10.73 16.75 -4.97
C TYR A 41 10.83 17.50 -6.29
N GLU A 42 10.03 18.54 -6.47
CA GLU A 42 10.10 19.28 -7.73
C GLU A 42 11.49 19.87 -7.92
N ALA A 43 12.19 20.16 -6.84
CA ALA A 43 13.54 20.71 -6.92
C ALA A 43 14.62 19.63 -6.99
N HIS A 44 14.25 18.36 -6.91
CA HIS A 44 15.23 17.29 -6.89
C HIS A 44 15.84 17.11 -8.29
N VAL A 45 17.16 16.93 -8.32
CA VAL A 45 17.92 16.72 -9.56
C VAL A 45 18.55 15.33 -9.49
N PRO A 46 17.91 14.30 -10.02
CA PRO A 46 18.52 12.97 -10.02
C PRO A 46 19.82 12.93 -10.81
N SER A 47 20.69 12.01 -10.42
CA SER A 47 21.85 11.65 -11.25
C SER A 47 21.49 10.47 -12.13
N TRP A 48 21.50 10.65 -13.44
CA TRP A 48 21.02 9.64 -14.37
C TRP A 48 22.22 8.90 -14.93
N GLY A 49 22.38 7.65 -14.57
CA GLY A 49 23.42 6.80 -15.13
C GLY A 49 23.02 6.19 -16.47
N ASN A 50 23.82 5.26 -16.95
CA ASN A 50 23.72 4.83 -18.34
C ASN A 50 22.96 3.52 -18.44
N GLN A 51 21.82 3.52 -19.13
CA GLN A 51 21.06 2.29 -19.28
C GLN A 51 21.78 1.24 -20.13
N ASP A 52 22.76 1.62 -20.89
CA ASP A 52 23.44 0.64 -21.73
C ASP A 52 24.17 -0.42 -20.92
N ASP A 53 24.34 -0.24 -19.61
CA ASP A 53 24.88 -1.30 -18.77
C ASP A 53 23.91 -2.45 -18.60
N TYR A 54 22.66 -2.35 -19.02
CA TYR A 54 21.65 -3.36 -18.72
C TYR A 54 21.19 -4.05 -19.99
N GLN A 55 21.02 -5.36 -19.92
CA GLN A 55 20.46 -6.17 -21.00
C GLN A 55 19.07 -6.61 -20.58
N LEU A 56 18.03 -6.20 -21.30
CA LEU A 56 16.67 -6.65 -21.00
C LEU A 56 16.51 -8.10 -21.40
N VAL A 57 15.99 -8.91 -20.49
N VAL A 57 15.88 -8.89 -20.52
CA VAL A 57 15.82 -10.33 -20.80
CA VAL A 57 15.73 -10.33 -20.75
C VAL A 57 14.38 -10.80 -20.86
C VAL A 57 14.28 -10.69 -21.04
N ARG A 58 13.39 -10.11 -20.26
CA ARG A 58 12.00 -10.56 -20.38
C ARG A 58 11.08 -9.44 -19.92
N LYS A 59 9.97 -9.24 -20.58
CA LYS A 59 8.98 -8.26 -20.14
C LYS A 59 8.18 -8.88 -19.01
N LEU A 60 8.02 -8.16 -17.91
CA LEU A 60 7.24 -8.62 -16.77
C LEU A 60 5.86 -7.98 -16.74
N GLY A 61 5.68 -6.78 -17.28
CA GLY A 61 4.37 -6.17 -17.25
C GLY A 61 4.44 -4.73 -17.69
N ARG A 62 3.30 -4.07 -17.53
CA ARG A 62 3.20 -2.70 -17.98
C ARG A 62 2.12 -2.01 -17.18
N GLY A 63 2.40 -0.76 -16.84
CA GLY A 63 1.43 0.09 -16.17
C GLY A 63 1.05 1.22 -17.09
N LYS A 64 0.19 2.09 -16.53
CA LYS A 64 -0.21 3.32 -17.21
C LYS A 64 1.00 4.16 -17.60
N TYR A 65 2.01 4.24 -16.72
CA TYR A 65 3.13 5.12 -17.00
C TYR A 65 4.47 4.37 -17.11
N SER A 66 4.47 3.06 -17.31
CA SER A 66 5.77 2.38 -17.37
C SER A 66 5.63 1.03 -18.03
N GLU A 67 6.78 0.45 -18.31
CA GLU A 67 6.87 -0.96 -18.64
C GLU A 67 8.04 -1.55 -17.89
N VAL A 68 7.89 -2.77 -17.46
CA VAL A 68 8.81 -3.39 -16.52
C VAL A 68 9.43 -4.62 -17.16
N PHE A 69 10.75 -4.72 -17.06
CA PHE A 69 11.53 -5.82 -17.62
C PHE A 69 12.42 -6.43 -16.55
N GLU A 70 12.57 -7.72 -16.56
CA GLU A 70 13.72 -8.35 -15.96
C GLU A 70 14.95 -8.11 -16.81
N ALA A 71 16.11 -7.87 -16.17
CA ALA A 71 17.29 -7.49 -16.91
C ALA A 71 18.53 -8.02 -16.18
N ILE A 72 19.66 -7.95 -16.87
CA ILE A 72 20.95 -8.29 -16.27
C ILE A 72 21.89 -7.10 -16.44
N ASN A 73 22.58 -6.68 -15.39
CA ASN A 73 23.63 -5.70 -15.51
C ASN A 73 24.82 -6.40 -16.13
N ILE A 74 25.21 -6.04 -17.34
CA ILE A 74 26.27 -6.73 -18.06
C ILE A 74 27.65 -6.52 -17.42
N THR A 75 27.82 -5.50 -16.59
CA THR A 75 29.13 -5.25 -15.98
C THR A 75 29.39 -6.17 -14.79
N ASN A 76 28.36 -6.66 -14.10
CA ASN A 76 28.57 -7.47 -12.89
C ASN A 76 27.63 -8.68 -12.81
N ASN A 77 26.85 -8.96 -13.85
CA ASN A 77 25.93 -10.07 -13.94
C ASN A 77 24.81 -10.01 -12.94
N GLU A 78 24.54 -8.88 -12.33
CA GLU A 78 23.43 -8.84 -11.39
C GLU A 78 22.11 -8.88 -12.13
N ARG A 79 21.16 -9.66 -11.63
CA ARG A 79 19.79 -9.66 -12.13
C ARG A 79 18.99 -8.59 -11.43
N VAL A 80 18.24 -7.81 -12.20
CA VAL A 80 17.52 -6.63 -11.72
C VAL A 80 16.20 -6.55 -12.42
N VAL A 81 15.38 -5.59 -12.01
CA VAL A 81 14.15 -5.22 -12.70
C VAL A 81 14.27 -3.77 -13.13
N VAL A 82 14.03 -3.51 -14.42
CA VAL A 82 14.13 -2.16 -14.98
C VAL A 82 12.71 -1.68 -15.30
N LYS A 83 12.34 -0.55 -14.77
CA LYS A 83 11.05 0.08 -15.01
C LYS A 83 11.28 1.30 -15.89
N ILE A 84 10.90 1.18 -17.16
CA ILE A 84 11.14 2.22 -18.15
C ILE A 84 9.95 3.17 -18.08
N LEU A 85 10.21 4.44 -17.86
CA LEU A 85 9.11 5.37 -17.59
C LEU A 85 8.70 6.05 -18.88
N LYS A 86 7.40 6.13 -19.09
CA LYS A 86 6.94 7.02 -20.14
C LYS A 86 7.36 8.46 -19.77
N PRO A 87 8.33 9.07 -20.49
CA PRO A 87 9.06 10.24 -19.93
C PRO A 87 8.28 11.56 -19.85
N VAL A 88 7.06 11.67 -20.35
CA VAL A 88 6.32 12.97 -20.30
C VAL A 88 5.50 12.98 -19.01
N LYS A 89 6.20 13.26 -17.91
CA LYS A 89 5.58 13.46 -16.60
C LYS A 89 6.70 13.76 -15.60
N LYS A 90 7.42 14.86 -15.86
CA LYS A 90 8.70 15.08 -15.17
C LYS A 90 8.50 15.20 -13.67
N LYS A 91 7.47 15.93 -13.24
CA LYS A 91 7.23 16.11 -11.81
C LYS A 91 6.97 14.79 -11.14
N LYS A 92 6.19 13.92 -11.77
CA LYS A 92 5.87 12.63 -11.19
C LYS A 92 7.09 11.73 -11.13
N ILE A 93 7.99 11.84 -12.13
CA ILE A 93 9.24 11.09 -12.09
C ILE A 93 10.09 11.56 -10.92
N LYS A 94 10.27 12.86 -10.76
CA LYS A 94 11.02 13.38 -9.63
C LYS A 94 10.43 12.92 -8.30
N ARG A 95 9.09 12.90 -8.21
CA ARG A 95 8.43 12.46 -6.98
C ARG A 95 8.82 11.02 -6.62
N GLU A 96 8.69 10.12 -7.60
CA GLU A 96 8.97 8.72 -7.35
C GLU A 96 10.44 8.50 -7.02
N VAL A 97 11.33 9.16 -7.77
CA VAL A 97 12.77 9.04 -7.50
C VAL A 97 13.11 9.56 -6.09
N LYS A 98 12.61 10.74 -5.75
CA LYS A 98 12.95 11.33 -4.45
C LYS A 98 12.41 10.48 -3.33
N ILE A 99 11.20 9.95 -3.47
CA ILE A 99 10.62 9.08 -2.46
C ILE A 99 11.45 7.83 -2.29
N LEU A 100 11.81 7.19 -3.41
CA LEU A 100 12.65 5.99 -3.31
C LEU A 100 13.99 6.26 -2.70
N GLU A 101 14.61 7.38 -3.02
CA GLU A 101 15.89 7.70 -2.41
C GLU A 101 15.73 7.96 -0.91
N ASN A 102 14.68 8.67 -0.51
CA ASN A 102 14.44 8.86 0.91
C ASN A 102 14.20 7.57 1.65
N LEU A 103 13.62 6.56 1.01
CA LEU A 103 13.27 5.30 1.63
C LEU A 103 14.44 4.33 1.59
N ARG A 104 15.58 4.73 1.01
CA ARG A 104 16.81 3.94 0.94
C ARG A 104 17.09 3.15 2.21
N GLY A 105 17.21 1.84 2.03
CA GLY A 105 17.49 0.97 3.16
C GLY A 105 16.36 0.67 4.11
N GLY A 106 15.15 1.19 3.85
CA GLY A 106 14.03 0.84 4.66
C GLY A 106 13.67 -0.64 4.56
N THR A 107 13.24 -1.17 5.69
CA THR A 107 12.92 -2.58 5.78
C THR A 107 11.77 -2.97 4.87
N ASN A 108 12.04 -3.86 3.95
CA ASN A 108 11.06 -4.44 3.06
C ASN A 108 10.52 -3.43 2.02
N ILE A 109 11.20 -2.32 1.84
CA ILE A 109 10.89 -1.47 0.70
C ILE A 109 11.79 -1.88 -0.45
N ILE A 110 11.23 -1.98 -1.64
CA ILE A 110 12.08 -2.34 -2.78
C ILE A 110 13.25 -1.42 -2.93
N LYS A 111 14.42 -2.02 -3.15
CA LYS A 111 15.63 -1.24 -3.25
C LYS A 111 15.80 -0.66 -4.64
N LEU A 112 15.89 0.64 -4.73
CA LEU A 112 16.28 1.32 -5.96
C LEU A 112 17.78 1.28 -6.11
N ILE A 113 18.28 0.53 -7.08
CA ILE A 113 19.72 0.38 -7.35
C ILE A 113 20.25 1.57 -8.10
N ASP A 114 19.51 2.09 -9.08
CA ASP A 114 20.02 3.23 -9.80
C ASP A 114 18.90 3.86 -10.58
N THR A 115 19.15 5.10 -11.00
CA THR A 115 18.31 5.86 -11.91
C THR A 115 19.11 6.05 -13.19
N VAL A 116 18.59 5.60 -14.33
CA VAL A 116 19.39 5.55 -15.55
C VAL A 116 18.59 6.16 -16.71
N LYS A 117 19.27 6.52 -17.76
CA LYS A 117 18.62 6.93 -19.00
C LYS A 117 19.26 6.20 -20.18
N ASP A 118 18.46 5.94 -21.19
CA ASP A 118 18.98 5.65 -22.53
C ASP A 118 19.84 6.85 -22.90
N PRO A 119 21.14 6.69 -23.18
CA PRO A 119 22.00 7.87 -23.35
C PRO A 119 21.68 8.66 -24.64
N VAL A 120 20.94 8.09 -25.60
CA VAL A 120 20.58 8.79 -26.81
C VAL A 120 19.20 9.44 -26.67
N SER A 121 18.20 8.66 -26.33
CA SER A 121 16.84 9.22 -26.27
C SER A 121 16.58 9.99 -24.98
N LYS A 122 17.36 9.72 -23.94
CA LYS A 122 17.21 10.31 -22.62
C LYS A 122 15.96 9.80 -21.91
N THR A 123 15.32 8.72 -22.36
CA THR A 123 14.17 8.16 -21.65
C THR A 123 14.65 7.65 -20.33
N PRO A 124 14.02 8.01 -19.22
CA PRO A 124 14.45 7.56 -17.92
C PRO A 124 13.91 6.20 -17.51
N ALA A 125 14.65 5.52 -16.64
CA ALA A 125 14.23 4.23 -16.11
C ALA A 125 14.78 4.07 -14.71
N LEU A 126 14.10 3.24 -13.95
CA LEU A 126 14.46 2.97 -12.57
C LEU A 126 14.93 1.52 -12.51
N VAL A 127 16.03 1.25 -11.85
CA VAL A 127 16.58 -0.09 -11.73
C VAL A 127 16.38 -0.54 -10.29
N PHE A 128 15.70 -1.65 -10.11
CA PHE A 128 15.37 -2.22 -8.80
C PHE A 128 16.03 -3.56 -8.58
N GLU A 129 16.22 -3.91 -7.31
CA GLU A 129 16.61 -5.28 -7.00
C GLU A 129 15.55 -6.25 -7.49
N TYR A 130 16.00 -7.41 -7.90
CA TYR A 130 15.12 -8.44 -8.39
C TYR A 130 14.50 -9.17 -7.20
N ILE A 131 13.23 -9.57 -7.32
CA ILE A 131 12.59 -10.46 -6.37
C ILE A 131 11.88 -11.53 -7.17
N ASN A 132 12.03 -12.78 -6.76
CA ASN A 132 11.42 -13.88 -7.51
C ASN A 132 10.01 -14.08 -6.94
N ASN A 133 9.03 -13.34 -7.47
CA ASN A 133 7.67 -13.18 -6.92
C ASN A 133 6.81 -14.40 -7.21
N THR A 134 6.16 -14.86 -6.18
CA THR A 134 5.17 -15.92 -6.27
C THR A 134 3.81 -15.31 -6.55
N ASP A 135 3.14 -15.84 -7.58
CA ASP A 135 1.83 -15.32 -7.99
C ASP A 135 0.87 -15.28 -6.80
N PHE A 136 0.39 -14.08 -6.50
CA PHE A 136 -0.39 -13.96 -5.28
C PHE A 136 -1.69 -14.73 -5.32
N LYS A 137 -2.30 -14.88 -6.49
CA LYS A 137 -3.59 -15.57 -6.52
C LYS A 137 -3.44 -17.03 -6.11
N GLN A 138 -2.34 -17.65 -6.53
CA GLN A 138 -2.06 -19.00 -6.09
C GLN A 138 -1.62 -19.01 -4.63
N LEU A 139 -0.70 -18.10 -4.28
CA LEU A 139 -0.12 -18.08 -2.93
C LEU A 139 -1.19 -17.93 -1.87
N TYR A 140 -2.16 -17.03 -2.09
CA TYR A 140 -3.08 -16.72 -1.01
C TYR A 140 -4.05 -17.85 -0.70
N GLN A 141 -4.10 -18.86 -1.55
CA GLN A 141 -4.93 -20.00 -1.21
C GLN A 141 -4.17 -21.07 -0.45
N ILE A 142 -2.85 -20.98 -0.33
CA ILE A 142 -2.03 -21.98 0.38
C ILE A 142 -1.36 -21.46 1.66
N LEU A 143 -1.53 -20.20 2.00
CA LEU A 143 -0.88 -19.67 3.21
C LEU A 143 -1.41 -20.37 4.44
N THR A 144 -0.53 -20.63 5.41
CA THR A 144 -0.91 -21.07 6.72
C THR A 144 -1.19 -19.84 7.62
N ASP A 145 -1.76 -20.14 8.78
CA ASP A 145 -1.96 -19.10 9.79
C ASP A 145 -0.66 -18.34 10.08
N PHE A 146 0.42 -19.08 10.38
CA PHE A 146 1.68 -18.42 10.66
C PHE A 146 2.17 -17.63 9.44
N ASP A 147 2.03 -18.17 8.23
CA ASP A 147 2.47 -17.44 7.05
C ASP A 147 1.81 -16.07 6.96
N ILE A 148 0.48 -16.04 7.18
CA ILE A 148 -0.23 -14.78 7.09
C ILE A 148 0.31 -13.82 8.12
N ARG A 149 0.44 -14.27 9.37
CA ARG A 149 0.97 -13.39 10.39
C ARG A 149 2.34 -12.87 9.97
N PHE A 150 3.19 -13.77 9.47
CA PHE A 150 4.55 -13.40 9.10
C PHE A 150 4.54 -12.35 8.01
N TYR A 151 3.88 -12.66 6.91
CA TYR A 151 3.89 -11.70 5.79
C TYR A 151 3.24 -10.38 6.14
N MET A 152 2.14 -10.41 6.88
CA MET A 152 1.53 -9.15 7.29
C MET A 152 2.44 -8.36 8.18
N TYR A 153 3.20 -9.02 9.05
CA TYR A 153 4.13 -8.29 9.90
C TYR A 153 5.24 -7.68 9.05
N GLU A 154 5.75 -8.43 8.05
CA GLU A 154 6.80 -7.91 7.16
C GLU A 154 6.27 -6.70 6.36
N LEU A 155 5.04 -6.76 5.88
CA LEU A 155 4.50 -5.64 5.15
C LEU A 155 4.35 -4.46 6.10
N LEU A 156 3.85 -4.68 7.31
CA LEU A 156 3.76 -3.60 8.26
C LEU A 156 5.08 -2.93 8.51
N LYS A 157 6.18 -3.68 8.55
CA LYS A 157 7.45 -3.01 8.73
C LYS A 157 7.70 -1.99 7.62
N ALA A 158 7.35 -2.36 6.38
CA ALA A 158 7.55 -1.43 5.27
C ALA A 158 6.67 -0.20 5.41
N LEU A 159 5.42 -0.37 5.80
CA LEU A 159 4.53 0.76 5.97
C LEU A 159 4.93 1.63 7.14
N ASP A 160 5.26 1.02 8.29
CA ASP A 160 5.72 1.85 9.38
C ASP A 160 6.92 2.65 8.94
N TYR A 161 7.84 2.02 8.20
CA TYR A 161 9.01 2.75 7.76
C TYR A 161 8.62 3.93 6.87
N CYS A 162 7.80 3.68 5.86
N CYS A 162 7.88 3.66 5.81
CA CYS A 162 7.53 4.79 4.93
CA CYS A 162 7.61 4.79 4.94
C CYS A 162 6.67 5.87 5.57
C CYS A 162 6.81 5.86 5.66
N HIS A 163 5.79 5.50 6.47
CA HIS A 163 5.05 6.50 7.24
C HIS A 163 5.99 7.31 8.10
N SER A 164 6.96 6.66 8.76
CA SER A 164 7.91 7.37 9.60
C SER A 164 8.77 8.32 8.78
N LYS A 165 8.97 7.99 7.52
N LYS A 165 8.92 8.05 7.46
CA LYS A 165 9.68 8.83 6.58
CA LYS A 165 9.63 8.91 6.52
C LYS A 165 8.79 9.90 5.94
C LYS A 165 8.66 9.87 5.81
N GLY A 166 7.53 10.06 6.38
CA GLY A 166 6.64 11.08 5.90
C GLY A 166 5.97 10.78 4.59
N ILE A 167 5.86 9.51 4.23
CA ILE A 167 5.35 9.13 2.91
C ILE A 167 4.17 8.19 3.04
N MET A 168 3.12 8.47 2.27
CA MET A 168 2.00 7.57 2.10
C MET A 168 2.20 6.79 0.80
N HIS A 169 2.00 5.46 0.80
CA HIS A 169 2.21 4.70 -0.43
C HIS A 169 1.07 4.92 -1.43
N ARG A 170 -0.16 4.79 -0.93
CA ARG A 170 -1.38 5.11 -1.68
C ARG A 170 -1.73 4.09 -2.78
N ASP A 171 -1.08 2.94 -2.78
CA ASP A 171 -1.47 1.92 -3.74
C ASP A 171 -1.13 0.56 -3.18
N VAL A 172 -1.42 0.32 -1.91
CA VAL A 172 -1.13 -0.99 -1.31
C VAL A 172 -2.18 -1.97 -1.82
N LYS A 173 -1.71 -3.11 -2.35
CA LYS A 173 -2.56 -4.14 -2.88
C LYS A 173 -1.66 -5.33 -3.13
N PRO A 174 -2.25 -6.53 -3.32
CA PRO A 174 -1.39 -7.73 -3.49
C PRO A 174 -0.41 -7.58 -4.65
N HIS A 175 -0.81 -6.99 -5.77
CA HIS A 175 0.07 -6.89 -6.92
C HIS A 175 1.27 -5.99 -6.63
N ASN A 176 1.23 -5.18 -5.58
CA ASN A 176 2.37 -4.31 -5.22
C ASN A 176 3.14 -4.87 -4.04
N VAL A 177 2.86 -6.08 -3.62
CA VAL A 177 3.58 -6.70 -2.49
C VAL A 177 4.25 -7.96 -3.03
N MET A 178 5.49 -7.83 -3.46
CA MET A 178 6.22 -8.97 -4.03
C MET A 178 6.61 -9.90 -2.90
N ILE A 179 6.27 -11.17 -3.04
CA ILE A 179 6.62 -12.18 -2.03
C ILE A 179 7.33 -13.32 -2.71
N ASP A 180 8.57 -13.56 -2.30
CA ASP A 180 9.31 -14.77 -2.69
C ASP A 180 9.03 -15.76 -1.56
N HIS A 181 8.12 -16.68 -1.85
CA HIS A 181 7.69 -17.58 -0.81
C HIS A 181 8.73 -18.67 -0.55
N GLN A 182 9.72 -18.83 -1.40
CA GLN A 182 10.78 -19.79 -1.15
C GLN A 182 11.78 -19.22 -0.16
N GLN A 183 12.25 -18.00 -0.42
CA GLN A 183 13.20 -17.33 0.47
C GLN A 183 12.55 -16.55 1.61
N LYS A 184 11.22 -16.46 1.62
CA LYS A 184 10.48 -15.67 2.61
C LYS A 184 10.94 -14.22 2.61
N LYS A 185 10.90 -13.61 1.43
CA LYS A 185 11.31 -12.21 1.28
C LYS A 185 10.06 -11.49 0.80
N LEU A 186 9.83 -10.29 1.33
CA LEU A 186 8.72 -9.44 0.91
C LEU A 186 9.25 -8.07 0.57
N ARG A 187 8.72 -7.48 -0.52
CA ARG A 187 9.07 -6.10 -0.86
C ARG A 187 7.84 -5.37 -1.32
N LEU A 188 7.64 -4.19 -0.79
CA LEU A 188 6.60 -3.28 -1.23
C LEU A 188 7.14 -2.47 -2.43
N ILE A 189 6.47 -2.59 -3.57
CA ILE A 189 6.92 -1.97 -4.82
C ILE A 189 5.94 -0.90 -5.26
N ASP A 190 6.24 -0.31 -6.40
CA ASP A 190 5.41 0.62 -7.11
C ASP A 190 5.02 1.83 -6.30
N TRP A 191 6.00 2.70 -6.17
CA TRP A 191 5.94 3.96 -5.44
C TRP A 191 5.49 5.13 -6.32
N GLY A 192 4.98 4.87 -7.51
CA GLY A 192 4.60 5.95 -8.39
C GLY A 192 3.38 6.77 -7.99
N LEU A 193 2.55 6.27 -7.08
CA LEU A 193 1.45 7.05 -6.54
C LEU A 193 1.76 7.61 -5.17
N ALA A 194 2.91 7.31 -4.62
CA ALA A 194 3.18 7.72 -3.26
C ALA A 194 3.36 9.23 -3.17
N GLU A 195 3.11 9.79 -2.00
CA GLU A 195 3.20 11.22 -1.79
C GLU A 195 3.61 11.53 -0.37
N PHE A 196 4.20 12.71 -0.22
CA PHE A 196 4.58 13.24 1.08
C PHE A 196 3.39 13.72 1.86
N TYR A 197 3.29 13.36 3.13
CA TYR A 197 2.21 13.83 4.00
C TYR A 197 2.57 15.17 4.64
N HIS A 198 1.69 16.16 4.50
CA HIS A 198 1.81 17.45 5.16
C HIS A 198 0.48 17.74 5.83
N PRO A 199 0.47 18.15 7.09
CA PRO A 199 -0.80 18.32 7.79
C PRO A 199 -1.68 19.37 7.14
N ALA A 200 -2.95 19.02 7.02
CA ALA A 200 -4.01 19.86 6.42
C ALA A 200 -3.93 19.91 4.91
N GLN A 201 -3.02 19.20 4.29
CA GLN A 201 -2.97 19.21 2.83
C GLN A 201 -4.11 18.40 2.26
N GLU A 202 -4.72 18.90 1.21
CA GLU A 202 -5.77 18.15 0.54
C GLU A 202 -5.16 17.35 -0.61
N TYR A 203 -5.45 16.06 -0.69
CA TYR A 203 -4.84 15.19 -1.67
C TYR A 203 -5.88 14.71 -2.67
N ASN A 204 -5.39 14.29 -3.84
CA ASN A 204 -6.23 13.72 -4.88
C ASN A 204 -6.77 12.41 -4.39
N VAL A 205 -8.07 12.17 -4.52
CA VAL A 205 -8.62 10.92 -4.07
C VAL A 205 -8.54 9.85 -5.15
N ARG A 206 -8.02 10.15 -6.35
CA ARG A 206 -7.89 9.17 -7.44
C ARG A 206 -6.59 8.40 -7.27
N VAL A 207 -6.48 7.66 -6.19
CA VAL A 207 -5.33 6.84 -5.88
C VAL A 207 -5.86 5.48 -5.45
N ALA A 208 -4.96 4.53 -5.34
CA ALA A 208 -5.25 3.14 -4.98
C ALA A 208 -6.12 2.38 -6.00
N SER A 209 -6.03 1.13 -5.96
CA SER A 209 -6.87 0.35 -6.83
C SER A 209 -8.25 0.18 -6.19
N ARG A 210 -9.30 0.11 -7.04
CA ARG A 210 -10.69 0.08 -6.57
C ARG A 210 -10.91 -0.72 -5.28
N TYR A 211 -10.43 -1.98 -5.24
CA TYR A 211 -10.82 -2.87 -4.15
C TYR A 211 -10.13 -2.49 -2.86
N PHE A 212 -9.10 -1.65 -2.91
CA PHE A 212 -8.27 -1.27 -1.78
C PHE A 212 -8.43 0.18 -1.41
N LYS A 213 -9.34 0.90 -2.07
CA LYS A 213 -9.61 2.31 -1.75
C LYS A 213 -10.30 2.44 -0.41
N GLY A 214 -9.80 3.29 0.47
CA GLY A 214 -10.47 3.54 1.73
C GLY A 214 -11.76 4.31 1.50
N PRO A 215 -12.69 4.18 2.44
CA PRO A 215 -13.95 4.93 2.34
C PRO A 215 -13.69 6.40 2.14
N GLU A 216 -12.66 6.96 2.76
CA GLU A 216 -12.37 8.36 2.58
C GLU A 216 -12.24 8.74 1.10
N LEU A 217 -11.56 7.90 0.31
CA LEU A 217 -11.42 8.18 -1.10
C LEU A 217 -12.75 8.10 -1.79
N LEU A 218 -13.56 7.09 -1.43
CA LEU A 218 -14.83 6.81 -2.09
C LEU A 218 -15.88 7.88 -1.83
N VAL A 219 -15.75 8.64 -0.74
CA VAL A 219 -16.61 9.76 -0.44
C VAL A 219 -15.97 11.10 -0.70
N ASP A 220 -14.84 11.12 -1.40
CA ASP A 220 -14.21 12.34 -1.88
C ASP A 220 -13.71 13.20 -0.71
N TYR A 221 -13.20 12.57 0.33
CA TYR A 221 -12.59 13.29 1.44
C TYR A 221 -11.10 13.40 1.18
N GLN A 222 -10.63 14.63 0.98
CA GLN A 222 -9.26 14.86 0.51
C GLN A 222 -8.24 15.01 1.61
N MET A 223 -8.65 15.19 2.83
CA MET A 223 -7.70 15.47 3.91
C MET A 223 -7.30 14.18 4.63
N TYR A 224 -6.82 13.21 3.85
CA TYR A 224 -6.48 11.89 4.33
C TYR A 224 -4.99 11.83 4.65
N ASP A 225 -4.57 10.67 5.17
CA ASP A 225 -3.19 10.54 5.67
C ASP A 225 -2.70 9.10 5.52
N TYR A 226 -1.61 8.76 6.21
CA TYR A 226 -1.03 7.43 6.20
C TYR A 226 -2.06 6.34 6.47
N SER A 227 -3.13 6.66 7.23
CA SER A 227 -4.14 5.68 7.59
C SER A 227 -4.88 5.13 6.37
N LEU A 228 -4.81 5.79 5.21
CA LEU A 228 -5.30 5.21 3.99
C LEU A 228 -4.64 3.87 3.74
N ASP A 229 -3.30 3.81 3.88
CA ASP A 229 -2.60 2.54 3.64
C ASP A 229 -3.04 1.46 4.60
N MET A 230 -3.44 1.83 5.82
CA MET A 230 -3.89 0.85 6.82
C MET A 230 -5.21 0.24 6.42
N TRP A 231 -6.10 1.02 5.82
CA TRP A 231 -7.30 0.40 5.25
C TRP A 231 -6.92 -0.65 4.20
N SER A 232 -6.06 -0.28 3.26
CA SER A 232 -5.67 -1.21 2.22
C SER A 232 -5.04 -2.45 2.83
N LEU A 233 -4.26 -2.23 3.91
N LEU A 233 -4.19 -2.31 3.83
CA LEU A 233 -3.60 -3.32 4.63
CA LEU A 233 -3.62 -3.50 4.41
C LEU A 233 -4.67 -4.25 5.17
C LEU A 233 -4.70 -4.31 5.14
N GLY A 234 -5.66 -3.66 5.82
CA GLY A 234 -6.79 -4.42 6.38
C GLY A 234 -7.49 -5.22 5.32
N CYS A 235 -7.70 -4.65 4.13
CA CYS A 235 -8.36 -5.42 3.07
C CYS A 235 -7.55 -6.64 2.75
N MET A 236 -6.21 -6.50 2.65
CA MET A 236 -5.36 -7.63 2.39
C MET A 236 -5.46 -8.67 3.49
N LEU A 237 -5.42 -8.25 4.74
CA LEU A 237 -5.56 -9.19 5.86
C LEU A 237 -6.85 -9.96 5.75
N ALA A 238 -7.96 -9.24 5.52
CA ALA A 238 -9.23 -9.94 5.43
C ALA A 238 -9.22 -10.95 4.31
N SER A 239 -8.62 -10.62 3.14
CA SER A 239 -8.61 -11.59 2.05
C SER A 239 -7.80 -12.79 2.38
N MET A 240 -6.75 -12.65 3.16
CA MET A 240 -5.92 -13.78 3.50
C MET A 240 -6.58 -14.68 4.55
N ILE A 241 -7.10 -14.11 5.64
CA ILE A 241 -7.69 -14.96 6.68
C ILE A 241 -9.01 -15.56 6.24
N PHE A 242 -9.77 -14.86 5.40
CA PHE A 242 -11.06 -15.38 5.00
C PHE A 242 -11.03 -16.09 3.67
N ARG A 243 -9.97 -15.91 2.88
CA ARG A 243 -9.84 -16.50 1.54
C ARG A 243 -10.93 -15.98 0.59
N ARG A 244 -11.28 -14.72 0.69
CA ARG A 244 -12.11 -14.01 -0.28
C ARG A 244 -11.27 -12.88 -0.80
N GLU A 245 -10.79 -13.02 -2.03
CA GLU A 245 -9.82 -12.12 -2.62
C GLU A 245 -10.33 -11.60 -3.95
N PRO A 246 -10.49 -10.32 -4.15
CA PRO A 246 -10.42 -9.29 -3.11
C PRO A 246 -11.57 -9.38 -2.13
N PHE A 247 -11.38 -8.79 -0.95
CA PHE A 247 -12.40 -8.94 0.08
C PHE A 247 -13.67 -8.13 -0.24
N PHE A 248 -13.50 -6.88 -0.68
CA PHE A 248 -14.60 -5.98 -1.04
C PHE A 248 -14.55 -5.78 -2.54
N HIS A 249 -15.43 -6.46 -3.29
CA HIS A 249 -15.28 -6.55 -4.74
C HIS A 249 -16.27 -5.64 -5.47
N GLY A 250 -16.03 -4.34 -5.45
CA GLY A 250 -16.94 -3.44 -6.10
C GLY A 250 -16.84 -3.54 -7.61
N GLN A 251 -17.96 -3.24 -8.27
CA GLN A 251 -17.97 -3.15 -9.73
C GLN A 251 -17.49 -1.80 -10.28
N ASP A 252 -17.49 -0.78 -9.46
CA ASP A 252 -17.08 0.59 -9.80
C ASP A 252 -16.92 1.28 -8.45
N ASN A 253 -16.49 2.56 -8.46
CA ASN A 253 -16.18 3.19 -7.18
C ASN A 253 -17.40 3.37 -6.32
N TYR A 254 -18.58 3.57 -6.93
CA TYR A 254 -19.79 3.70 -6.13
C TYR A 254 -20.11 2.37 -5.47
N ASP A 255 -20.15 1.31 -6.30
CA ASP A 255 -20.45 0.02 -5.74
C ASP A 255 -19.40 -0.43 -4.72
N GLN A 256 -18.19 0.08 -4.83
CA GLN A 256 -17.18 -0.29 -3.84
C GLN A 256 -17.59 0.15 -2.45
N LEU A 257 -18.14 1.36 -2.33
CA LEU A 257 -18.58 1.82 -1.01
C LEU A 257 -19.78 1.02 -0.56
N VAL A 258 -20.66 0.65 -1.48
CA VAL A 258 -21.79 -0.17 -1.06
C VAL A 258 -21.28 -1.51 -0.49
N ARG A 259 -20.28 -2.12 -1.13
CA ARG A 259 -19.76 -3.38 -0.65
C ARG A 259 -19.21 -3.22 0.75
N ILE A 260 -18.52 -2.10 1.02
CA ILE A 260 -18.05 -1.84 2.37
C ILE A 260 -19.19 -1.69 3.35
N ALA A 261 -20.19 -0.94 2.98
CA ALA A 261 -21.28 -0.62 3.88
C ALA A 261 -22.12 -1.85 4.20
N LYS A 262 -22.18 -2.81 3.29
CA LYS A 262 -22.86 -4.05 3.60
C LYS A 262 -22.18 -4.82 4.72
N VAL A 263 -20.91 -4.54 5.00
CA VAL A 263 -20.21 -5.20 6.10
C VAL A 263 -20.13 -4.29 7.34
N LEU A 264 -19.65 -3.05 7.17
CA LEU A 264 -19.44 -2.15 8.29
C LEU A 264 -20.72 -1.44 8.71
N GLY A 265 -21.75 -1.47 7.89
CA GLY A 265 -22.99 -0.84 8.29
C GLY A 265 -23.24 0.56 7.74
N THR A 266 -24.48 0.90 7.43
CA THR A 266 -24.82 2.20 6.84
C THR A 266 -24.94 3.28 7.90
N GLU A 267 -25.62 2.99 9.03
CA GLU A 267 -25.66 4.00 10.09
C GLU A 267 -24.25 4.38 10.54
N GLU A 268 -23.36 3.42 10.53
CA GLU A 268 -22.01 3.68 10.93
C GLU A 268 -21.26 4.57 9.89
N LEU A 269 -21.51 4.34 8.62
CA LEU A 269 -21.02 5.25 7.60
C LEU A 269 -21.49 6.69 7.84
N TYR A 270 -22.79 6.87 8.10
CA TYR A 270 -23.31 8.21 8.26
C TYR A 270 -22.70 8.90 9.48
N GLY A 271 -22.38 8.13 10.55
CA GLY A 271 -21.73 8.74 11.71
C GLY A 271 -20.34 9.25 11.35
N TYR A 272 -19.61 8.48 10.53
CA TYR A 272 -18.32 8.94 10.03
C TYR A 272 -18.45 10.21 9.21
N LEU A 273 -19.39 10.22 8.26
CA LEU A 273 -19.58 11.40 7.41
C LEU A 273 -19.90 12.60 8.26
N LYS A 274 -20.70 12.40 9.28
CA LYS A 274 -21.12 13.54 10.10
C LYS A 274 -19.94 14.07 10.88
N LYS A 275 -19.12 13.18 11.43
CA LYS A 275 -17.97 13.62 12.24
C LYS A 275 -17.05 14.53 11.46
N TYR A 276 -16.81 14.22 10.19
CA TYR A 276 -15.86 14.97 9.40
C TYR A 276 -16.53 15.94 8.44
N HIS A 277 -17.83 16.14 8.60
CA HIS A 277 -18.60 17.08 7.78
C HIS A 277 -18.40 16.75 6.29
N ILE A 278 -18.51 15.47 5.96
CA ILE A 278 -18.24 15.02 4.59
C ILE A 278 -19.53 15.05 3.82
N ASP A 279 -19.51 15.66 2.63
CA ASP A 279 -20.67 15.68 1.75
C ASP A 279 -20.71 14.43 0.90
N LEU A 280 -21.82 13.75 0.89
CA LEU A 280 -22.02 12.51 0.13
C LEU A 280 -22.64 12.76 -1.24
N ASP A 281 -21.97 12.32 -2.29
CA ASP A 281 -22.48 12.43 -3.64
C ASP A 281 -23.88 11.81 -3.67
N PRO A 282 -24.89 12.52 -4.16
CA PRO A 282 -26.26 12.01 -4.02
C PRO A 282 -26.57 10.80 -4.88
N HIS A 283 -25.70 10.43 -5.79
CA HIS A 283 -25.90 9.15 -6.47
C HIS A 283 -25.90 8.00 -5.47
N PHE A 284 -25.21 8.14 -4.36
CA PHE A 284 -25.20 7.06 -3.38
C PHE A 284 -26.56 6.83 -2.76
N ASN A 285 -27.44 7.81 -2.80
CA ASN A 285 -28.73 7.61 -2.14
C ASN A 285 -29.51 6.47 -2.79
N ASP A 286 -29.31 6.23 -4.08
CA ASP A 286 -30.14 5.21 -4.71
C ASP A 286 -29.56 3.80 -4.59
N ILE A 287 -28.35 3.64 -4.03
CA ILE A 287 -27.66 2.35 -4.07
C ILE A 287 -27.22 1.85 -2.72
N LEU A 288 -27.04 2.73 -1.69
CA LEU A 288 -26.52 2.28 -0.41
C LEU A 288 -27.46 1.36 0.35
N GLY A 289 -28.78 1.60 0.27
CA GLY A 289 -29.73 0.77 1.02
C GLY A 289 -29.54 0.96 2.51
N GLN A 290 -29.93 -0.06 3.29
CA GLN A 290 -29.84 -0.03 4.75
C GLN A 290 -29.20 -1.34 5.18
N HIS A 291 -28.08 -1.27 5.87
CA HIS A 291 -27.34 -2.46 6.23
C HIS A 291 -26.87 -2.36 7.66
N SER A 292 -27.11 -3.43 8.43
CA SER A 292 -26.54 -3.55 9.76
C SER A 292 -25.04 -3.82 9.68
N ARG A 293 -24.34 -3.40 10.70
CA ARG A 293 -22.95 -3.82 10.84
C ARG A 293 -22.92 -5.32 11.12
N LYS A 294 -22.07 -6.05 10.40
CA LYS A 294 -21.95 -7.49 10.47
C LYS A 294 -20.86 -7.91 11.44
N ARG A 295 -21.09 -9.03 12.09
CA ARG A 295 -20.04 -9.61 12.92
C ARG A 295 -18.98 -10.22 12.02
N TRP A 296 -17.73 -9.96 12.36
CA TRP A 296 -16.65 -10.53 11.54
C TRP A 296 -16.69 -12.05 11.52
N GLU A 297 -17.19 -12.67 12.58
CA GLU A 297 -17.29 -14.11 12.62
C GLU A 297 -18.22 -14.65 11.55
N ASN A 298 -19.10 -13.81 10.97
CA ASN A 298 -19.99 -14.25 9.89
C ASN A 298 -19.22 -14.70 8.66
N PHE A 299 -17.96 -14.33 8.54
CA PHE A 299 -17.18 -14.69 7.35
C PHE A 299 -16.44 -16.00 7.51
N ILE A 300 -16.55 -16.66 8.71
CA ILE A 300 -15.82 -17.88 8.95
C ILE A 300 -16.64 -19.05 8.42
N HIS A 301 -15.96 -20.00 7.77
CA HIS A 301 -16.61 -21.28 7.43
C HIS A 301 -15.53 -22.33 7.34
N SER A 302 -15.88 -23.53 6.91
CA SER A 302 -14.94 -24.62 7.09
C SER A 302 -13.68 -24.36 6.30
N GLU A 303 -13.78 -23.66 5.17
CA GLU A 303 -12.61 -23.43 4.31
C GLU A 303 -11.57 -22.46 4.86
N ASN A 304 -11.92 -21.61 5.78
CA ASN A 304 -10.98 -20.63 6.33
C ASN A 304 -10.82 -20.71 7.84
N ARG A 305 -11.50 -21.64 8.54
CA ARG A 305 -11.55 -21.53 10.01
C ARG A 305 -10.16 -21.67 10.63
N HIS A 306 -9.26 -22.41 9.98
CA HIS A 306 -7.90 -22.61 10.50
C HIS A 306 -7.03 -21.37 10.38
N LEU A 307 -7.49 -20.33 9.70
CA LEU A 307 -6.75 -19.09 9.54
C LEU A 307 -7.29 -17.99 10.44
N VAL A 308 -8.42 -18.19 11.08
CA VAL A 308 -9.10 -17.16 11.84
C VAL A 308 -8.99 -17.47 13.32
N SER A 309 -8.63 -16.46 14.10
CA SER A 309 -8.52 -16.57 15.55
C SER A 309 -9.19 -15.35 16.14
N PRO A 310 -9.45 -15.34 17.45
CA PRO A 310 -9.96 -14.09 18.07
C PRO A 310 -8.99 -12.95 17.86
N GLU A 311 -7.70 -13.22 17.87
N GLU A 311 -7.67 -13.19 17.95
CA GLU A 311 -6.75 -12.13 17.75
CA GLU A 311 -6.71 -12.10 17.71
C GLU A 311 -6.70 -11.58 16.32
C GLU A 311 -6.85 -11.54 16.31
N ALA A 312 -6.95 -12.43 15.31
CA ALA A 312 -7.02 -11.95 13.94
C ALA A 312 -8.23 -11.07 13.79
N LEU A 313 -9.37 -11.48 14.34
CA LEU A 313 -10.58 -10.67 14.19
C LEU A 313 -10.48 -9.36 14.93
N ASP A 314 -9.90 -9.35 16.11
CA ASP A 314 -9.70 -8.10 16.86
C ASP A 314 -8.84 -7.14 16.09
N LEU A 315 -7.74 -7.62 15.52
CA LEU A 315 -6.89 -6.77 14.68
C LEU A 315 -7.65 -6.27 13.46
N LEU A 316 -8.33 -7.17 12.75
CA LEU A 316 -9.01 -6.75 11.54
C LEU A 316 -10.06 -5.67 11.85
N ASP A 317 -10.79 -5.86 12.95
CA ASP A 317 -11.83 -4.92 13.32
C ASP A 317 -11.29 -3.53 13.57
N LYS A 318 -10.03 -3.45 13.99
CA LYS A 318 -9.38 -2.19 14.29
C LYS A 318 -8.71 -1.56 13.08
N LEU A 319 -8.62 -2.28 11.97
CA LEU A 319 -8.10 -1.76 10.70
C LEU A 319 -9.23 -1.32 9.79
N LEU A 320 -10.21 -2.19 9.57
CA LEU A 320 -11.32 -1.92 8.65
C LEU A 320 -12.42 -1.11 9.35
N ARG A 321 -12.04 0.12 9.68
CA ARG A 321 -12.94 1.10 10.30
C ARG A 321 -13.16 2.25 9.35
N TYR A 322 -14.39 2.78 9.27
CA TYR A 322 -14.61 3.96 8.46
C TYR A 322 -13.69 5.08 8.90
N ASP A 323 -13.65 5.35 10.20
CA ASP A 323 -12.96 6.53 10.73
C ASP A 323 -11.46 6.35 10.62
N HIS A 324 -10.87 6.99 9.62
CA HIS A 324 -9.44 6.81 9.32
C HIS A 324 -8.59 7.15 10.54
N GLN A 325 -9.01 8.08 11.37
CA GLN A 325 -8.21 8.47 12.52
C GLN A 325 -8.25 7.42 13.60
N GLN A 326 -9.24 6.54 13.62
CA GLN A 326 -9.35 5.51 14.64
C GLN A 326 -8.72 4.21 14.20
N ARG A 327 -8.33 4.06 12.95
CA ARG A 327 -7.63 2.84 12.55
C ARG A 327 -6.31 2.74 13.26
N LEU A 328 -5.85 1.52 13.53
CA LEU A 328 -4.51 1.36 14.06
C LEU A 328 -3.47 1.97 13.10
N THR A 329 -2.44 2.54 13.69
CA THR A 329 -1.23 2.87 12.95
C THR A 329 -0.48 1.59 12.59
N ALA A 330 0.47 1.66 11.66
CA ALA A 330 1.25 0.47 11.33
C ALA A 330 1.95 -0.08 12.57
N LYS A 331 2.50 0.81 13.39
CA LYS A 331 3.15 0.40 14.63
C LYS A 331 2.17 -0.25 15.60
N GLU A 332 1.00 0.38 15.81
CA GLU A 332 0.00 -0.24 16.70
C GLU A 332 -0.40 -1.61 16.20
N ALA A 333 -0.55 -1.76 14.89
CA ALA A 333 -0.86 -3.07 14.35
C ALA A 333 0.26 -4.06 14.65
N MET A 334 1.54 -3.67 14.43
CA MET A 334 2.63 -4.57 14.73
C MET A 334 2.65 -4.99 16.17
N GLU A 335 2.28 -4.10 17.10
N GLU A 335 2.11 -4.13 17.01
CA GLU A 335 2.27 -4.49 18.53
CA GLU A 335 2.12 -4.32 18.44
C GLU A 335 1.10 -5.37 18.92
C GLU A 335 1.00 -5.22 18.91
N HIS A 336 0.14 -5.62 18.03
CA HIS A 336 -1.03 -6.38 18.41
C HIS A 336 -0.67 -7.80 18.76
N PRO A 337 -1.38 -8.43 19.69
CA PRO A 337 -1.09 -9.84 20.01
C PRO A 337 -1.15 -10.80 18.82
N TYR A 338 -1.89 -10.52 17.77
CA TYR A 338 -1.87 -11.42 16.62
C TYR A 338 -0.46 -11.70 16.12
N PHE A 339 0.47 -10.75 16.27
CA PHE A 339 1.82 -10.92 15.78
C PHE A 339 2.75 -11.46 16.83
N TYR A 340 2.31 -11.65 18.05
CA TYR A 340 3.21 -12.22 19.07
C TYR A 340 3.92 -13.51 18.62
N PRO A 341 3.28 -14.46 17.94
CA PRO A 341 4.03 -15.66 17.51
C PRO A 341 5.15 -15.33 16.53
N VAL A 342 4.98 -14.29 15.72
CA VAL A 342 6.04 -13.92 14.78
C VAL A 342 7.19 -13.25 15.49
N VAL A 343 6.88 -12.32 16.42
CA VAL A 343 7.92 -11.66 17.21
C VAL A 343 8.75 -12.71 17.96
N LYS A 344 8.09 -13.66 18.61
CA LYS A 344 8.78 -14.69 19.36
C LYS A 344 9.69 -15.52 18.47
N GLU A 345 9.22 -15.87 17.26
CA GLU A 345 10.08 -16.62 16.34
C GLU A 345 11.27 -15.78 15.89
N GLN A 346 11.07 -14.52 15.67
CA GLN A 346 12.12 -13.60 15.27
C GLN A 346 13.06 -13.26 16.43
N SER A 347 12.88 -13.97 17.56
CA SER A 347 13.62 -13.77 18.81
C SER A 347 14.12 -15.09 19.41
C1 EDO B . 6.85 -17.91 7.27
O1 EDO B . 8.11 -18.56 6.96
C2 EDO B . 6.20 -17.44 5.97
O2 EDO B . 6.10 -18.53 5.03
C13 A1ITG C . 9.16 -7.07 -9.63
C25 A1ITG C . 3.47 -7.47 -11.01
C02 A1ITG C . 7.98 -6.99 -10.31
C03 A1ITG C . 7.45 -5.78 -10.60
C04 A1ITG C . 6.22 -5.42 -11.30
C05 A1ITG C . 6.17 -4.04 -11.37
C06 A1ITG C . 7.37 -3.43 -10.79
C08 A1ITG C . 8.14 -4.60 -10.28
C09 A1ITG C . 9.36 -4.70 -9.58
C11 A1ITG C . 9.84 -5.90 -9.24
C15 A1ITG C . 4.96 -3.68 -12.03
C16 A1ITG C . 4.42 -2.34 -12.45
C18 A1ITG C . 3.12 -2.25 -13.15
C19 A1ITG C . 2.61 -3.49 -13.86
C20 A1ITG C . 2.90 -4.82 -13.13
C21 A1ITG C . 4.28 -4.86 -12.33
C23 A1ITG C . 4.60 -7.27 -12.03
C24 A1ITG C . 4.31 -7.82 -13.41
N22 A1ITG C . 5.02 -5.89 -11.88
O07 A1ITG C . 7.75 -2.34 -10.70
O17 A1ITG C . 5.07 -1.36 -12.23
BR01 A1ITG C . 7.01 -8.62 -10.75
BR10 A1ITG C . 10.36 -3.11 -9.16
BR12 A1ITG C . 11.45 -6.03 -8.29
BR14 A1ITG C . 9.83 -8.72 -9.17
CL CL D . -20.09 -9.22 2.29
CL CL E . -2.21 14.30 -4.40
#